data_6DW2
#
_entry.id   6DW2
#
_cell.length_a   60.287
_cell.length_b   90.254
_cell.length_c   105.527
_cell.angle_alpha   90.00
_cell.angle_beta   90.00
_cell.angle_gamma   90.00
#
_symmetry.space_group_name_H-M   'P 21 21 21'
#
loop_
_entity.id
_entity.type
_entity.pdbx_description
1 polymer '6078 Fab light chain'
2 polymer '6078 Fab heavy chain'
3 non-polymer 'SODIUM ION'
4 non-polymer 'MALONIC ACID'
5 non-polymer 4-O-[2-acetamido-2-deoxy-beta-D-glucopyranosyl]-1-O-phosphono-D-ribitol
6 water water
#
loop_
_entity_poly.entity_id
_entity_poly.type
_entity_poly.pdbx_seq_one_letter_code
_entity_poly.pdbx_strand_id
1 'polypeptide(L)'
;MKKNIAFLLASMFVFSIATNAYADIVMTQSPSILSASVGDRVTITCRASQTISGWLAWYQQKPAEAPKLLIYKASTLESG
VPSRFSGSGSGTEFTLTISSLQPDDFGIYYCQQYKSYSFNFGQGTKVEIKRTVAAPSVFIFPPSDEQLKSGTASVVCLLN
NFYPREAKVQWKVDNALQSGNSQESVTEQDSKDSTYSLSSTLTLSKADYEKHKVYACEVTHQGLSSPVTKSFNRGEC
;
A
2 'polypeptide(L)'
;MKKNIAFLLASMFVFSIATNAYAEVQLVQSGAEVKKPGASVKVSCEASGYTLTSYDINWVRQATGQGPEWMGWMNANSGN
TGYAQKFQGRVTLTGDTSISTAYMELSSLRSEDTAVYYCARSSILVRGALGRYFDLWGRGTLVTVSSASTKGPSVFPLAP
SSKSTSGGTAALGCLVKDYFPEPVTVSWNSGALTSGVHTFPAVLQSSGLYSLSSVVTVPSSSLGTQTYICNVNHKPSNTK
VDKKVEPKSCDKTHT
;
B
#
# COMPACT_ATOMS: atom_id res chain seq x y z
N ASP A 24 29.81 -3.30 2.25
CA ASP A 24 28.65 -2.70 1.59
C ASP A 24 29.07 -1.53 0.69
N ILE A 25 28.27 -1.28 -0.35
CA ILE A 25 28.45 -0.19 -1.30
C ILE A 25 27.21 0.68 -1.15
N VAL A 26 27.39 1.95 -0.75
CA VAL A 26 26.28 2.89 -0.55
C VAL A 26 25.75 3.36 -1.92
N MET A 27 24.40 3.24 -2.12
CA MET A 27 23.74 3.68 -3.37
C MET A 27 22.95 4.92 -3.03
N THR A 28 23.25 6.04 -3.72
CA THR A 28 22.60 7.34 -3.47
C THR A 28 21.82 7.76 -4.71
N GLN A 29 20.53 8.06 -4.55
CA GLN A 29 19.69 8.44 -5.67
C GLN A 29 19.35 9.91 -5.66
N SER A 30 19.17 10.49 -6.84
CA SER A 30 18.77 11.90 -6.93
C SER A 30 17.85 12.12 -8.13
N PRO A 31 16.77 12.93 -8.01
CA PRO A 31 16.33 13.65 -6.80
C PRO A 31 15.61 12.68 -5.85
N SER A 32 15.26 13.10 -4.63
CA SER A 32 14.50 12.21 -3.74
C SER A 32 13.03 12.20 -4.20
N ILE A 33 12.58 13.29 -4.83
CA ILE A 33 11.21 13.43 -5.31
C ILE A 33 11.16 14.30 -6.58
N LEU A 34 10.30 13.94 -7.53
CA LEU A 34 10.09 14.75 -8.74
C LEU A 34 8.63 14.71 -9.13
N SER A 35 8.17 15.77 -9.79
CA SER A 35 6.79 15.90 -10.25
C SER A 35 6.91 16.24 -11.72
N ALA A 36 6.28 15.46 -12.59
CA ALA A 36 6.33 15.67 -14.04
C ALA A 36 4.98 15.34 -14.65
N SER A 37 4.73 15.85 -15.86
CA SER A 37 3.47 15.66 -16.58
C SER A 37 3.56 14.47 -17.51
N VAL A 38 2.41 13.91 -17.90
CA VAL A 38 2.36 12.84 -18.88
C VAL A 38 2.99 13.37 -20.20
N GLY A 39 3.89 12.57 -20.77
CA GLY A 39 4.60 12.93 -21.99
C GLY A 39 5.99 13.52 -21.75
N ASP A 40 6.28 13.93 -20.51
CA ASP A 40 7.61 14.45 -20.19
C ASP A 40 8.70 13.37 -20.27
N ARG A 41 9.94 13.80 -20.60
CA ARG A 41 11.12 12.96 -20.57
C ARG A 41 11.72 13.14 -19.15
N VAL A 42 11.85 12.03 -18.40
CA VAL A 42 12.32 12.06 -17.00
C VAL A 42 13.64 11.33 -16.89
N THR A 43 14.58 11.87 -16.07
CA THR A 43 15.85 11.19 -15.78
C THR A 43 16.04 11.15 -14.29
N ILE A 44 16.59 10.04 -13.80
CA ILE A 44 16.79 9.80 -12.39
C ILE A 44 18.22 9.28 -12.30
N THR A 45 19.00 9.75 -11.34
CA THR A 45 20.36 9.26 -11.24
C THR A 45 20.59 8.41 -9.99
N CYS A 46 21.60 7.57 -10.08
CA CYS A 46 22.02 6.66 -9.01
C CYS A 46 23.55 6.67 -8.97
N ARG A 47 24.11 6.93 -7.79
CA ARG A 47 25.55 7.00 -7.57
C ARG A 47 25.99 5.86 -6.63
N ALA A 48 27.06 5.17 -7.00
CA ALA A 48 27.62 4.08 -6.18
C ALA A 48 28.85 4.64 -5.44
N SER A 49 29.00 4.33 -4.14
CA SER A 49 30.10 4.81 -3.28
C SER A 49 31.49 4.34 -3.78
N GLN A 50 31.53 3.27 -4.59
CA GLN A 50 32.72 2.72 -5.25
C GLN A 50 32.26 2.02 -6.51
N THR A 51 33.18 1.76 -7.48
CA THR A 51 32.83 1.14 -8.76
C THR A 51 32.12 -0.21 -8.64
N ILE A 52 31.07 -0.38 -9.46
CA ILE A 52 30.29 -1.61 -9.51
C ILE A 52 30.21 -2.08 -10.94
N SER A 53 31.09 -1.54 -11.82
CA SER A 53 31.09 -1.83 -13.27
C SER A 53 29.69 -1.54 -13.84
N GLY A 54 29.03 -2.53 -14.44
CA GLY A 54 27.66 -2.41 -14.92
C GLY A 54 26.68 -3.26 -14.13
N TRP A 55 27.05 -3.69 -12.91
CA TRP A 55 26.21 -4.61 -12.10
C TRP A 55 25.16 -3.85 -11.32
N LEU A 56 24.22 -3.25 -12.08
CA LEU A 56 23.16 -2.40 -11.52
C LEU A 56 21.79 -2.75 -12.10
N ALA A 57 20.80 -2.84 -11.21
CA ALA A 57 19.43 -3.12 -11.64
C ALA A 57 18.57 -1.94 -11.25
N TRP A 58 17.43 -1.72 -11.96
CA TRP A 58 16.47 -0.68 -11.62
C TRP A 58 15.11 -1.36 -11.41
N TYR A 59 14.33 -0.87 -10.46
CA TYR A 59 12.99 -1.39 -10.17
C TYR A 59 12.01 -0.24 -10.06
N GLN A 60 10.72 -0.52 -10.33
CA GLN A 60 9.62 0.39 -10.07
C GLN A 60 8.78 -0.27 -8.97
N GLN A 61 8.45 0.49 -7.92
CA GLN A 61 7.56 -0.01 -6.89
C GLN A 61 6.29 0.84 -6.86
N LYS A 62 5.16 0.19 -7.19
CA LYS A 62 3.83 0.79 -7.16
C LYS A 62 3.26 0.53 -5.75
N PRO A 63 2.33 1.37 -5.26
CA PRO A 63 1.78 1.17 -3.91
C PRO A 63 1.18 -0.22 -3.66
N ALA A 64 1.45 -0.77 -2.46
CA ALA A 64 1.05 -2.08 -1.93
C ALA A 64 1.61 -3.26 -2.74
N GLU A 65 2.69 -3.00 -3.49
CA GLU A 65 3.27 -4.03 -4.33
C GLU A 65 4.71 -4.16 -4.03
N ALA A 66 5.28 -5.28 -4.48
CA ALA A 66 6.71 -5.47 -4.36
C ALA A 66 7.35 -4.64 -5.49
N PRO A 67 8.64 -4.31 -5.36
CA PRO A 67 9.34 -3.69 -6.50
C PRO A 67 9.31 -4.65 -7.67
N LYS A 68 9.27 -4.09 -8.89
CA LYS A 68 9.24 -4.89 -10.11
C LYS A 68 10.45 -4.50 -10.99
N LEU A 69 11.16 -5.49 -11.49
CA LEU A 69 12.36 -5.29 -12.28
C LEU A 69 12.11 -4.60 -13.63
N LEU A 70 12.92 -3.58 -13.96
CA LEU A 70 12.80 -2.87 -15.24
C LEU A 70 14.04 -3.16 -16.08
N ILE A 71 15.20 -2.97 -15.46
CA ILE A 71 16.50 -3.04 -16.13
C ILE A 71 17.48 -3.81 -15.29
N TYR A 72 18.34 -4.60 -15.94
CA TYR A 72 19.48 -5.25 -15.27
C TYR A 72 20.74 -5.00 -16.11
N LYS A 73 21.92 -5.19 -15.47
CA LYS A 73 23.23 -4.96 -16.13
C LYS A 73 23.32 -3.51 -16.68
N ALA A 74 22.77 -2.54 -15.92
CA ALA A 74 22.72 -1.08 -16.16
C ALA A 74 21.87 -0.65 -17.34
N SER A 75 21.82 -1.45 -18.43
CA SER A 75 21.11 -1.04 -19.64
C SER A 75 20.25 -2.12 -20.31
N THR A 76 20.16 -3.34 -19.77
CA THR A 76 19.34 -4.38 -20.40
C THR A 76 17.90 -4.31 -19.91
N LEU A 77 16.94 -4.18 -20.83
CA LEU A 77 15.52 -4.11 -20.54
C LEU A 77 14.97 -5.52 -20.29
N GLU A 78 14.36 -5.70 -19.11
CA GLU A 78 13.73 -6.96 -18.70
C GLU A 78 12.58 -7.23 -19.66
N SER A 79 12.41 -8.48 -20.07
CA SER A 79 11.31 -8.86 -20.98
C SER A 79 9.92 -8.39 -20.45
N GLY A 80 9.14 -7.77 -21.34
CA GLY A 80 7.79 -7.29 -21.03
C GLY A 80 7.73 -5.88 -20.50
N VAL A 81 8.90 -5.26 -20.26
CA VAL A 81 8.97 -3.87 -19.76
C VAL A 81 8.77 -2.94 -20.97
N PRO A 82 7.92 -1.88 -20.86
CA PRO A 82 7.74 -0.96 -22.01
C PRO A 82 9.04 -0.34 -22.54
N SER A 83 9.14 -0.16 -23.86
CA SER A 83 10.30 0.40 -24.54
C SER A 83 10.67 1.85 -24.12
N ARG A 84 9.75 2.58 -23.44
CA ARG A 84 10.01 3.94 -22.95
C ARG A 84 11.09 4.00 -21.85
N PHE A 85 11.39 2.86 -21.20
CA PHE A 85 12.42 2.80 -20.17
C PHE A 85 13.77 2.46 -20.76
N SER A 86 14.81 3.16 -20.32
CA SER A 86 16.18 2.84 -20.75
C SER A 86 17.15 3.20 -19.66
N GLY A 87 18.28 2.50 -19.59
CA GLY A 87 19.28 2.78 -18.57
C GLY A 87 20.67 2.97 -19.16
N SER A 88 21.50 3.76 -18.48
CA SER A 88 22.88 4.00 -18.93
C SER A 88 23.80 4.23 -17.73
N GLY A 89 25.11 4.23 -18.03
CA GLY A 89 26.14 4.43 -17.04
C GLY A 89 27.02 3.22 -16.83
N SER A 90 28.10 3.41 -16.06
CA SER A 90 29.08 2.40 -15.69
C SER A 90 29.88 2.95 -14.53
N GLY A 91 30.52 2.06 -13.79
CA GLY A 91 31.34 2.45 -12.65
C GLY A 91 30.57 2.95 -11.46
N THR A 92 30.46 4.29 -11.33
CA THR A 92 29.83 4.90 -10.15
C THR A 92 28.62 5.78 -10.44
N GLU A 93 28.32 6.06 -11.72
CA GLU A 93 27.23 6.97 -12.07
C GLU A 93 26.28 6.34 -13.10
N PHE A 94 24.99 6.23 -12.75
CA PHE A 94 23.99 5.56 -13.56
C PHE A 94 22.75 6.41 -13.72
N THR A 95 22.05 6.26 -14.84
CA THR A 95 20.83 7.02 -15.10
CA THR A 95 20.83 7.02 -15.11
C THR A 95 19.72 6.16 -15.67
N LEU A 96 18.47 6.38 -15.19
CA LEU A 96 17.29 5.69 -15.72
C LEU A 96 16.55 6.82 -16.43
N THR A 97 16.13 6.57 -17.66
CA THR A 97 15.37 7.53 -18.50
C THR A 97 14.01 6.96 -18.87
N ILE A 98 12.95 7.76 -18.66
CA ILE A 98 11.60 7.41 -19.13
C ILE A 98 11.33 8.41 -20.24
N SER A 99 11.30 7.93 -21.48
CA SER A 99 11.19 8.82 -22.67
C SER A 99 9.91 9.63 -22.77
N SER A 100 8.80 9.05 -22.37
CA SER A 100 7.49 9.70 -22.42
C SER A 100 6.70 9.19 -21.21
N LEU A 101 6.70 9.94 -20.10
CA LEU A 101 6.07 9.54 -18.82
C LEU A 101 4.57 9.24 -18.97
N GLN A 102 4.15 8.10 -18.42
CA GLN A 102 2.76 7.68 -18.51
C GLN A 102 2.13 7.66 -17.13
N PRO A 103 0.80 7.70 -17.01
CA PRO A 103 0.19 7.72 -15.65
C PRO A 103 0.60 6.48 -14.81
N ASP A 104 0.82 5.32 -15.46
CA ASP A 104 1.17 4.09 -14.75
C ASP A 104 2.62 4.06 -14.27
N ASP A 105 3.39 5.13 -14.60
CA ASP A 105 4.80 5.28 -14.19
C ASP A 105 4.95 5.91 -12.82
N PHE A 106 3.82 6.27 -12.17
CA PHE A 106 3.99 6.85 -10.83
CA PHE A 106 3.80 6.79 -10.80
C PHE A 106 4.46 5.74 -9.87
N GLY A 107 5.14 6.16 -8.83
CA GLY A 107 5.68 5.19 -7.88
C GLY A 107 7.02 5.59 -7.35
N ILE A 108 7.74 4.61 -6.85
CA ILE A 108 9.10 4.86 -6.34
C ILE A 108 10.04 4.00 -7.18
N TYR A 109 11.14 4.61 -7.65
CA TYR A 109 12.13 3.88 -8.45
C TYR A 109 13.36 3.65 -7.62
N TYR A 110 13.88 2.41 -7.62
CA TYR A 110 15.07 2.07 -6.83
C TYR A 110 16.14 1.56 -7.73
N CYS A 111 17.41 1.90 -7.44
CA CYS A 111 18.51 1.26 -8.12
C CYS A 111 19.04 0.24 -7.08
N GLN A 112 19.79 -0.74 -7.54
CA GLN A 112 20.36 -1.79 -6.68
C GLN A 112 21.67 -2.27 -7.28
N GLN A 113 22.74 -2.33 -6.49
CA GLN A 113 24.00 -2.90 -7.01
C GLN A 113 24.01 -4.41 -6.73
N TYR A 114 24.62 -5.19 -7.60
CA TYR A 114 24.78 -6.61 -7.32
C TYR A 114 26.24 -7.06 -7.58
N LYS A 115 27.18 -6.12 -7.42
CA LYS A 115 28.61 -6.42 -7.55
C LYS A 115 29.04 -7.21 -6.30
N SER A 116 28.53 -6.80 -5.12
CA SER A 116 28.91 -7.47 -3.87
C SER A 116 27.85 -7.35 -2.79
N TYR A 117 28.14 -7.93 -1.61
CA TYR A 117 27.27 -7.82 -0.44
C TYR A 117 27.20 -6.31 -0.04
N SER A 118 26.05 -5.80 0.45
CA SER A 118 24.82 -6.55 0.76
C SER A 118 23.77 -6.36 -0.35
N PHE A 119 24.18 -6.34 -1.63
CA PHE A 119 23.29 -6.20 -2.80
C PHE A 119 22.37 -4.97 -2.59
N ASN A 120 22.99 -3.87 -2.12
CA ASN A 120 22.35 -2.65 -1.64
C ASN A 120 21.44 -1.96 -2.63
N PHE A 121 20.31 -1.46 -2.10
CA PHE A 121 19.40 -0.62 -2.90
C PHE A 121 19.63 0.82 -2.48
N GLY A 122 19.28 1.77 -3.36
CA GLY A 122 19.23 3.18 -2.99
C GLY A 122 17.98 3.47 -2.18
N GLN A 123 17.80 4.73 -1.76
CA GLN A 123 16.69 5.14 -0.91
C GLN A 123 15.45 5.56 -1.72
N GLY A 124 15.57 5.45 -3.03
CA GLY A 124 14.48 5.70 -3.98
C GLY A 124 14.28 7.13 -4.42
N THR A 125 13.64 7.26 -5.60
CA THR A 125 13.18 8.52 -6.18
C THR A 125 11.68 8.35 -6.35
N LYS A 126 10.90 9.19 -5.66
CA LYS A 126 9.44 9.20 -5.74
C LYS A 126 9.04 10.04 -6.98
N VAL A 127 8.25 9.43 -7.89
CA VAL A 127 7.79 10.07 -9.13
C VAL A 127 6.30 10.35 -8.97
N GLU A 128 5.93 11.64 -8.95
CA GLU A 128 4.53 12.07 -8.83
C GLU A 128 4.09 12.61 -10.18
N ILE A 129 2.87 12.27 -10.63
CA ILE A 129 2.36 12.72 -11.93
C ILE A 129 1.55 14.00 -11.76
N LYS A 130 1.82 14.99 -12.60
CA LYS A 130 1.08 16.26 -12.63
C LYS A 130 0.04 16.15 -13.72
N ARG A 131 -1.13 16.76 -13.52
CA ARG A 131 -2.19 16.68 -14.52
C ARG A 131 -3.09 17.91 -14.37
N THR A 132 -4.14 18.03 -15.20
CA THR A 132 -5.05 19.17 -15.10
C THR A 132 -5.85 19.13 -13.79
N VAL A 133 -6.28 20.29 -13.33
CA VAL A 133 -7.08 20.39 -12.13
C VAL A 133 -8.39 19.62 -12.28
N ALA A 134 -8.75 18.84 -11.26
CA ALA A 134 -9.99 18.04 -11.24
C ALA A 134 -10.66 18.31 -9.91
N ALA A 135 -11.90 18.81 -9.93
CA ALA A 135 -12.61 19.10 -8.68
C ALA A 135 -13.06 17.80 -8.01
N PRO A 136 -13.07 17.73 -6.66
CA PRO A 136 -13.58 16.50 -6.02
C PRO A 136 -15.10 16.42 -6.08
N SER A 137 -15.61 15.19 -6.07
CA SER A 137 -17.04 14.95 -5.89
C SER A 137 -17.07 14.65 -4.39
N VAL A 138 -18.05 15.20 -3.67
CA VAL A 138 -18.13 15.08 -2.20
C VAL A 138 -19.33 14.26 -1.79
N PHE A 139 -19.14 13.36 -0.83
CA PHE A 139 -20.17 12.45 -0.33
C PHE A 139 -20.09 12.41 1.16
N ILE A 140 -21.24 12.31 1.85
CA ILE A 140 -21.21 12.24 3.30
C ILE A 140 -21.98 11.02 3.79
N PHE A 141 -21.50 10.43 4.89
CA PHE A 141 -22.15 9.24 5.43
C PHE A 141 -22.44 9.44 6.91
N PRO A 142 -23.70 9.36 7.31
CA PRO A 142 -24.00 9.39 8.75
C PRO A 142 -23.49 8.10 9.42
N PRO A 143 -23.36 8.05 10.75
CA PRO A 143 -22.97 6.79 11.38
C PRO A 143 -24.06 5.74 11.21
N SER A 144 -23.66 4.48 11.19
CA SER A 144 -24.57 3.35 11.07
C SER A 144 -25.32 3.16 12.39
N ASP A 145 -26.56 2.64 12.31
CA ASP A 145 -27.37 2.35 13.49
C ASP A 145 -26.64 1.33 14.34
N GLU A 146 -25.97 0.36 13.71
CA GLU A 146 -25.16 -0.64 14.41
C GLU A 146 -24.05 -0.01 15.27
N GLN A 147 -23.32 0.98 14.72
CA GLN A 147 -22.26 1.61 15.49
C GLN A 147 -22.84 2.45 16.65
N LEU A 148 -23.93 3.17 16.41
CA LEU A 148 -24.53 4.00 17.47
C LEU A 148 -24.95 3.19 18.68
N LYS A 149 -25.43 1.94 18.43
CA LYS A 149 -25.81 0.95 19.44
C LYS A 149 -24.64 0.68 20.39
N SER A 150 -23.40 0.71 19.87
CA SER A 150 -22.14 0.47 20.60
C SER A 150 -21.59 1.69 21.38
N GLY A 151 -22.18 2.87 21.20
CA GLY A 151 -21.77 4.07 21.94
C GLY A 151 -20.96 5.14 21.26
N THR A 152 -20.59 4.98 19.98
CA THR A 152 -19.79 6.04 19.34
C THR A 152 -20.33 6.29 17.92
N ALA A 153 -20.11 7.51 17.40
CA ALA A 153 -20.60 7.89 16.07
C ALA A 153 -19.45 8.32 15.20
N SER A 154 -19.24 7.63 14.08
CA SER A 154 -18.20 8.05 13.13
C SER A 154 -18.94 8.60 11.91
N VAL A 155 -18.67 9.85 11.54
CA VAL A 155 -19.27 10.53 10.39
C VAL A 155 -18.16 10.63 9.34
N VAL A 156 -18.39 10.11 8.13
CA VAL A 156 -17.36 10.10 7.12
C VAL A 156 -17.68 11.02 5.96
N CYS A 157 -16.70 11.85 5.57
CA CYS A 157 -16.81 12.73 4.41
C CYS A 157 -15.80 12.25 3.38
N LEU A 158 -16.25 11.96 2.14
CA LEU A 158 -15.40 11.46 1.08
C LEU A 158 -15.21 12.53 0.01
N LEU A 159 -13.96 12.80 -0.39
CA LEU A 159 -13.63 13.70 -1.51
C LEU A 159 -13.08 12.77 -2.56
N ASN A 160 -13.78 12.58 -3.68
CA ASN A 160 -13.34 11.59 -4.63
C ASN A 160 -12.77 12.14 -5.92
N ASN A 161 -11.66 11.54 -6.38
CA ASN A 161 -11.03 11.72 -7.69
C ASN A 161 -10.73 13.17 -8.05
N PHE A 162 -9.83 13.77 -7.27
CA PHE A 162 -9.48 15.18 -7.49
C PHE A 162 -7.99 15.39 -7.71
N TYR A 163 -7.65 16.56 -8.22
CA TYR A 163 -6.26 16.95 -8.43
C TYR A 163 -6.20 18.49 -8.43
N PRO A 164 -5.23 19.12 -7.73
CA PRO A 164 -4.10 18.53 -6.97
C PRO A 164 -4.51 17.98 -5.62
N ARG A 165 -3.56 17.40 -4.86
CA ARG A 165 -3.85 16.82 -3.56
C ARG A 165 -4.29 17.81 -2.50
N GLU A 166 -3.85 19.08 -2.60
CA GLU A 166 -4.19 20.09 -1.58
C GLU A 166 -5.68 20.35 -1.54
N ALA A 167 -6.30 20.11 -0.39
CA ALA A 167 -7.74 20.32 -0.17
C ALA A 167 -7.96 20.66 1.29
N LYS A 168 -8.94 21.52 1.56
CA LYS A 168 -9.27 21.89 2.94
C LYS A 168 -10.65 21.36 3.27
N VAL A 169 -10.74 20.60 4.36
CA VAL A 169 -12.02 20.05 4.81
C VAL A 169 -12.30 20.62 6.19
N GLN A 170 -13.50 21.15 6.39
CA GLN A 170 -13.91 21.69 7.68
C GLN A 170 -15.22 21.08 8.11
N TRP A 171 -15.27 20.60 9.34
CA TRP A 171 -16.49 20.00 9.88
C TRP A 171 -17.27 21.08 10.64
N LYS A 172 -18.60 21.09 10.49
CA LYS A 172 -19.49 22.02 11.21
C LYS A 172 -20.64 21.24 11.77
N VAL A 173 -20.86 21.38 13.07
CA VAL A 173 -21.95 20.69 13.75
C VAL A 173 -22.89 21.80 14.28
N ASP A 174 -24.14 21.86 13.77
CA ASP A 174 -25.09 22.95 14.10
C ASP A 174 -24.40 24.31 13.90
N ASN A 175 -23.66 24.42 12.77
CA ASN A 175 -22.86 25.56 12.30
C ASN A 175 -21.61 25.92 13.15
N ALA A 176 -21.31 25.15 14.22
CA ALA A 176 -20.13 25.40 15.04
C ALA A 176 -18.94 24.68 14.41
N LEU A 177 -17.85 25.42 14.14
CA LEU A 177 -16.64 24.89 13.53
C LEU A 177 -15.99 23.87 14.47
N GLN A 178 -15.66 22.67 13.94
CA GLN A 178 -15.05 21.64 14.74
C GLN A 178 -13.56 21.68 14.71
N SER A 179 -12.98 21.24 15.82
CA SER A 179 -11.54 21.17 15.96
C SER A 179 -11.18 20.01 16.87
N GLY A 180 -10.21 19.20 16.46
CA GLY A 180 -9.66 18.12 17.28
C GLY A 180 -10.38 16.79 17.41
N ASN A 181 -11.37 16.56 16.58
CA ASN A 181 -12.15 15.33 16.64
C ASN A 181 -12.27 14.67 15.26
N SER A 182 -11.35 15.00 14.34
CA SER A 182 -11.39 14.35 13.02
C SER A 182 -10.00 13.90 12.56
N GLN A 183 -9.97 12.97 11.62
CA GLN A 183 -8.72 12.51 11.01
C GLN A 183 -8.93 12.33 9.52
N GLU A 184 -7.89 12.66 8.73
CA GLU A 184 -7.94 12.54 7.28
C GLU A 184 -7.00 11.42 6.83
N SER A 185 -7.32 10.82 5.66
CA SER A 185 -6.42 9.86 5.01
C SER A 185 -6.54 10.11 3.53
N VAL A 186 -5.41 10.16 2.82
CA VAL A 186 -5.43 10.38 1.37
CA VAL A 186 -5.39 10.38 1.37
C VAL A 186 -4.91 9.13 0.64
N THR A 187 -5.52 8.78 -0.50
CA THR A 187 -5.00 7.63 -1.21
C THR A 187 -3.69 7.98 -1.94
N GLU A 188 -3.00 6.93 -2.47
CA GLU A 188 -1.93 7.12 -3.42
C GLU A 188 -2.58 7.65 -4.73
N GLN A 189 -1.79 8.20 -5.65
CA GLN A 189 -2.34 8.64 -6.96
C GLN A 189 -2.90 7.44 -7.74
N ASP A 190 -3.98 7.67 -8.47
CA ASP A 190 -4.56 6.63 -9.30
C ASP A 190 -3.63 6.30 -10.48
N SER A 191 -3.48 4.99 -10.78
CA SER A 191 -2.58 4.55 -11.86
C SER A 191 -3.04 4.89 -13.30
N LYS A 192 -4.34 5.23 -13.46
CA LYS A 192 -4.89 5.56 -14.77
C LYS A 192 -5.14 7.05 -14.94
N ASP A 193 -5.76 7.71 -13.96
CA ASP A 193 -6.12 9.11 -14.14
C ASP A 193 -5.35 10.07 -13.22
N SER A 194 -4.42 9.56 -12.42
CA SER A 194 -3.51 10.39 -11.61
C SER A 194 -4.21 11.26 -10.56
N THR A 195 -5.46 10.95 -10.23
CA THR A 195 -6.16 11.74 -9.19
C THR A 195 -5.93 11.10 -7.81
N TYR A 196 -6.39 11.79 -6.75
CA TYR A 196 -6.35 11.34 -5.35
C TYR A 196 -7.77 11.29 -4.84
N SER A 197 -7.98 10.53 -3.76
CA SER A 197 -9.24 10.58 -3.01
C SER A 197 -8.86 10.80 -1.56
N LEU A 198 -9.78 11.31 -0.76
CA LEU A 198 -9.49 11.63 0.64
C LEU A 198 -10.70 11.36 1.48
N SER A 199 -10.49 10.86 2.71
CA SER A 199 -11.58 10.66 3.65
C SER A 199 -11.31 11.53 4.87
N SER A 200 -12.34 12.14 5.43
CA SER A 200 -12.23 12.87 6.69
C SER A 200 -13.26 12.27 7.59
N THR A 201 -12.83 11.76 8.74
CA THR A 201 -13.76 11.09 9.64
C THR A 201 -13.88 11.85 10.93
N LEU A 202 -15.11 12.27 11.28
CA LEU A 202 -15.42 12.95 12.56
C LEU A 202 -15.90 11.88 13.54
N THR A 203 -15.28 11.78 14.73
CA THR A 203 -15.68 10.76 15.71
C THR A 203 -16.18 11.43 16.98
N LEU A 204 -17.39 11.05 17.41
CA LEU A 204 -18.01 11.58 18.61
C LEU A 204 -18.58 10.46 19.44
N SER A 205 -18.86 10.73 20.74
CA SER A 205 -19.54 9.73 21.55
C SER A 205 -21.01 9.73 21.08
N LYS A 206 -21.77 8.68 21.40
CA LYS A 206 -23.20 8.63 21.05
C LYS A 206 -23.94 9.81 21.75
N ALA A 207 -23.59 10.08 23.04
CA ALA A 207 -24.17 11.18 23.82
C ALA A 207 -23.90 12.53 23.13
N ASP A 208 -22.62 12.79 22.72
CA ASP A 208 -22.27 14.03 22.03
C ASP A 208 -22.96 14.13 20.67
N TYR A 209 -23.04 13.01 19.90
CA TYR A 209 -23.73 12.98 18.60
C TYR A 209 -25.22 13.32 18.75
N GLU A 210 -25.88 12.74 19.77
CA GLU A 210 -27.30 12.97 20.06
C GLU A 210 -27.61 14.40 20.56
N LYS A 211 -26.60 15.20 20.91
CA LYS A 211 -26.78 16.60 21.35
C LYS A 211 -27.01 17.57 20.18
N HIS A 212 -26.71 17.16 18.92
CA HIS A 212 -26.82 18.06 17.77
C HIS A 212 -27.64 17.51 16.60
N LYS A 213 -28.00 18.39 15.65
CA LYS A 213 -28.83 18.02 14.51
C LYS A 213 -28.10 18.05 13.18
N VAL A 214 -27.50 19.20 12.82
CA VAL A 214 -26.89 19.39 11.50
C VAL A 214 -25.43 18.98 11.47
N TYR A 215 -25.08 18.04 10.57
CA TYR A 215 -23.69 17.58 10.43
C TYR A 215 -23.21 17.92 9.05
N ALA A 216 -22.21 18.82 8.97
CA ALA A 216 -21.75 19.31 7.69
C ALA A 216 -20.27 19.18 7.46
N CYS A 217 -19.92 18.82 6.23
CA CYS A 217 -18.59 18.73 5.71
C CYS A 217 -18.40 19.82 4.64
N GLU A 218 -17.50 20.81 4.86
CA GLU A 218 -17.25 21.88 3.91
C GLU A 218 -15.90 21.68 3.23
N VAL A 219 -15.91 21.62 1.90
CA VAL A 219 -14.71 21.35 1.12
C VAL A 219 -14.29 22.54 0.26
N THR A 220 -13.02 22.93 0.38
CA THR A 220 -12.39 23.98 -0.41
C THR A 220 -11.28 23.34 -1.24
N HIS A 221 -11.27 23.61 -2.55
CA HIS A 221 -10.29 23.01 -3.46
C HIS A 221 -10.17 23.94 -4.65
N GLN A 222 -9.00 23.96 -5.27
CA GLN A 222 -8.71 24.78 -6.46
C GLN A 222 -9.75 24.58 -7.59
N GLY A 223 -10.22 23.36 -7.78
CA GLY A 223 -11.18 23.04 -8.83
C GLY A 223 -12.61 23.50 -8.59
N LEU A 224 -12.90 24.02 -7.40
CA LEU A 224 -14.22 24.49 -7.00
C LEU A 224 -14.26 26.01 -6.97
N SER A 225 -15.24 26.61 -7.69
CA SER A 225 -15.46 28.07 -7.76
C SER A 225 -15.67 28.64 -6.37
N SER A 226 -16.45 27.95 -5.53
CA SER A 226 -16.71 28.31 -4.14
C SER A 226 -16.82 27.01 -3.31
N PRO A 227 -16.62 27.03 -1.97
CA PRO A 227 -16.69 25.78 -1.19
C PRO A 227 -17.98 25.01 -1.31
N VAL A 228 -17.85 23.67 -1.34
CA VAL A 228 -18.98 22.75 -1.43
C VAL A 228 -19.26 22.23 -0.03
N THR A 229 -20.54 22.27 0.38
CA THR A 229 -20.93 21.73 1.66
C THR A 229 -21.85 20.55 1.42
N LYS A 230 -21.55 19.41 2.06
CA LYS A 230 -22.41 18.23 2.09
C LYS A 230 -22.84 18.09 3.54
N SER A 231 -24.15 17.97 3.77
CA SER A 231 -24.67 17.91 5.13
C SER A 231 -25.89 17.03 5.26
N PHE A 232 -26.19 16.63 6.49
CA PHE A 232 -27.40 15.89 6.80
C PHE A 232 -27.91 16.28 8.17
N ASN A 233 -29.19 15.99 8.43
CA ASN A 233 -29.81 16.17 9.74
C ASN A 233 -29.94 14.78 10.32
N ARG A 234 -29.46 14.60 11.56
CA ARG A 234 -29.47 13.34 12.28
C ARG A 234 -30.85 12.64 12.28
N GLY A 235 -31.02 11.66 11.38
CA GLY A 235 -32.25 10.88 11.26
C GLY A 235 -32.94 10.87 9.89
N GLU A 236 -32.54 11.78 8.99
CA GLU A 236 -33.14 11.87 7.65
C GLU A 236 -32.33 11.11 6.60
N GLU B 24 0.96 -19.52 -14.42
CA GLU B 24 1.92 -18.42 -14.41
C GLU B 24 2.92 -18.58 -13.26
N VAL B 25 4.11 -18.02 -13.44
CA VAL B 25 5.16 -18.10 -12.42
C VAL B 25 4.80 -17.14 -11.27
N GLN B 26 4.69 -17.66 -10.03
CA GLN B 26 4.37 -16.87 -8.84
C GLN B 26 5.14 -17.29 -7.61
N LEU B 27 5.24 -16.37 -6.63
CA LEU B 27 5.76 -16.68 -5.30
C LEU B 27 4.63 -16.31 -4.35
N VAL B 28 4.15 -17.25 -3.58
CA VAL B 28 3.01 -17.08 -2.67
C VAL B 28 3.46 -17.10 -1.22
N GLN B 29 3.29 -15.96 -0.51
CA GLN B 29 3.73 -15.84 0.86
C GLN B 29 2.64 -16.05 1.88
N SER B 30 3.05 -16.42 3.08
CA SER B 30 2.14 -16.57 4.22
C SER B 30 1.67 -15.20 4.73
N GLY B 31 0.61 -15.23 5.53
CA GLY B 31 -0.06 -14.01 5.99
C GLY B 31 0.67 -13.18 7.01
N ALA B 32 0.22 -11.92 7.18
CA ALA B 32 0.77 -11.03 8.18
C ALA B 32 0.75 -11.64 9.60
N GLU B 33 1.73 -11.27 10.40
CA GLU B 33 1.86 -11.77 11.76
C GLU B 33 2.26 -10.71 12.73
N VAL B 34 1.94 -10.93 14.00
CA VAL B 34 2.38 -10.04 15.06
C VAL B 34 3.10 -10.90 16.08
N LYS B 35 4.22 -10.40 16.57
CA LYS B 35 5.03 -11.11 17.56
C LYS B 35 5.48 -10.18 18.67
N LYS B 36 5.70 -10.73 19.88
CA LYS B 36 6.20 -9.92 20.98
C LYS B 36 7.73 -9.74 20.82
N PRO B 37 8.33 -8.66 21.37
CA PRO B 37 9.80 -8.55 21.31
C PRO B 37 10.47 -9.78 21.96
N GLY B 38 11.52 -10.26 21.33
CA GLY B 38 12.29 -11.43 21.78
C GLY B 38 11.84 -12.74 21.17
N ALA B 39 10.65 -12.77 20.54
CA ALA B 39 10.13 -13.98 19.91
C ALA B 39 10.77 -14.19 18.52
N SER B 40 10.32 -15.19 17.80
CA SER B 40 10.80 -15.47 16.44
C SER B 40 9.60 -15.56 15.49
N VAL B 41 9.82 -15.31 14.20
CA VAL B 41 8.76 -15.40 13.18
C VAL B 41 9.30 -16.28 12.06
N LYS B 42 8.42 -17.06 11.44
CA LYS B 42 8.81 -17.88 10.31
C LYS B 42 7.81 -17.65 9.18
N VAL B 43 8.28 -17.05 8.09
CA VAL B 43 7.48 -16.72 6.91
C VAL B 43 7.73 -17.77 5.85
N SER B 44 6.68 -18.15 5.11
CA SER B 44 6.84 -19.12 4.03
C SER B 44 6.64 -18.46 2.69
N CYS B 45 7.20 -19.06 1.66
CA CYS B 45 7.20 -18.57 0.30
C CYS B 45 7.09 -19.81 -0.60
N GLU B 46 5.92 -20.00 -1.25
CA GLU B 46 5.69 -21.15 -2.14
C GLU B 46 5.89 -20.77 -3.58
N ALA B 47 6.78 -21.50 -4.26
CA ALA B 47 7.00 -21.29 -5.67
C ALA B 47 5.91 -22.04 -6.47
N SER B 48 5.30 -21.38 -7.46
CA SER B 48 4.33 -22.03 -8.32
C SER B 48 4.62 -21.67 -9.77
N GLY B 49 4.47 -22.64 -10.68
CA GLY B 49 4.74 -22.41 -12.09
C GLY B 49 6.18 -22.56 -12.52
N TYR B 50 7.09 -22.82 -11.56
CA TYR B 50 8.52 -23.08 -11.80
C TYR B 50 9.07 -23.99 -10.70
N THR B 51 10.24 -24.60 -10.94
CA THR B 51 10.79 -25.51 -9.92
C THR B 51 11.74 -24.73 -9.03
N LEU B 52 11.41 -24.71 -7.74
CA LEU B 52 12.11 -23.99 -6.68
C LEU B 52 13.62 -24.16 -6.71
N THR B 53 14.08 -25.42 -6.90
CA THR B 53 15.51 -25.79 -6.89
C THR B 53 16.32 -25.30 -8.08
N SER B 54 15.68 -24.76 -9.14
CA SER B 54 16.35 -24.28 -10.35
C SER B 54 16.81 -22.83 -10.28
N TYR B 55 16.49 -22.14 -9.15
CA TYR B 55 16.87 -20.73 -8.94
C TYR B 55 17.24 -20.52 -7.49
N ASP B 56 17.92 -19.42 -7.16
CA ASP B 56 18.16 -19.05 -5.79
C ASP B 56 16.83 -18.46 -5.28
N ILE B 57 16.64 -18.48 -3.97
CA ILE B 57 15.54 -17.77 -3.30
C ILE B 57 16.23 -16.74 -2.40
N ASN B 58 15.68 -15.51 -2.35
CA ASN B 58 16.25 -14.42 -1.57
C ASN B 58 15.16 -13.85 -0.68
N TRP B 59 15.58 -13.22 0.42
CA TRP B 59 14.64 -12.54 1.32
C TRP B 59 15.09 -11.08 1.42
N VAL B 60 14.13 -10.16 1.28
CA VAL B 60 14.41 -8.72 1.23
C VAL B 60 13.36 -8.06 2.11
N ARG B 61 13.76 -7.20 3.07
CA ARG B 61 12.70 -6.52 3.83
C ARG B 61 12.61 -5.01 3.55
N GLN B 62 11.48 -4.41 3.90
CA GLN B 62 11.31 -2.96 3.68
C GLN B 62 10.43 -2.39 4.75
N ALA B 63 10.93 -1.41 5.48
CA ALA B 63 10.03 -0.73 6.42
C ALA B 63 9.59 0.50 5.63
N THR B 64 8.26 0.77 5.58
CA THR B 64 7.68 1.89 4.84
C THR B 64 8.39 3.18 5.25
N GLY B 65 8.89 3.90 4.25
CA GLY B 65 9.62 5.15 4.44
C GLY B 65 11.11 5.01 4.13
N GLN B 66 11.58 3.74 3.98
CA GLN B 66 12.98 3.40 3.68
C GLN B 66 13.09 2.53 2.39
N GLY B 67 14.30 2.39 1.86
CA GLY B 67 14.62 1.56 0.68
C GLY B 67 14.69 0.08 1.07
N PRO B 68 14.52 -0.90 0.15
CA PRO B 68 14.57 -2.32 0.56
C PRO B 68 15.96 -2.72 1.06
N GLU B 69 16.01 -3.72 1.96
CA GLU B 69 17.26 -4.20 2.54
C GLU B 69 17.30 -5.72 2.34
N TRP B 70 18.26 -6.18 1.54
CA TRP B 70 18.47 -7.60 1.24
C TRP B 70 19.00 -8.30 2.48
N MET B 71 18.44 -9.51 2.76
CA MET B 71 18.75 -10.26 4.00
C MET B 71 19.65 -11.47 3.78
N GLY B 72 19.34 -12.22 2.74
CA GLY B 72 20.11 -13.44 2.47
C GLY B 72 19.56 -14.24 1.33
N TRP B 73 20.32 -15.28 0.93
CA TRP B 73 19.90 -16.15 -0.16
C TRP B 73 20.00 -17.61 0.24
N MET B 74 19.31 -18.48 -0.50
CA MET B 74 19.36 -19.91 -0.24
C MET B 74 19.25 -20.67 -1.54
N ASN B 75 20.02 -21.77 -1.68
CA ASN B 75 19.91 -22.63 -2.86
C ASN B 75 19.24 -23.87 -2.29
N ALA B 76 17.97 -24.07 -2.61
CA ALA B 76 17.16 -25.15 -2.06
C ALA B 76 17.65 -26.55 -2.49
N ASN B 77 18.41 -26.63 -3.59
CA ASN B 77 18.91 -27.92 -4.08
C ASN B 77 20.13 -28.43 -3.29
N SER B 78 21.05 -27.52 -2.94
CA SER B 78 22.31 -27.83 -2.27
C SER B 78 22.32 -27.61 -0.75
N GLY B 79 21.35 -26.85 -0.22
CA GLY B 79 21.31 -26.49 1.20
C GLY B 79 22.33 -25.42 1.55
N ASN B 80 22.82 -24.68 0.55
CA ASN B 80 23.79 -23.61 0.76
C ASN B 80 23.02 -22.29 1.00
N THR B 81 23.53 -21.46 1.91
CA THR B 81 22.94 -20.14 2.23
C THR B 81 24.03 -19.07 2.39
N GLY B 82 23.64 -17.80 2.25
CA GLY B 82 24.54 -16.67 2.48
C GLY B 82 23.72 -15.54 3.07
N TYR B 83 24.15 -14.99 4.22
CA TYR B 83 23.38 -13.94 4.89
C TYR B 83 24.11 -12.60 4.94
N ALA B 84 23.34 -11.49 4.94
CA ALA B 84 23.94 -10.16 5.09
C ALA B 84 24.44 -10.02 6.52
N GLN B 85 25.60 -9.39 6.70
CA GLN B 85 26.22 -9.20 8.02
C GLN B 85 25.30 -8.55 9.07
N LYS B 86 24.34 -7.68 8.65
CA LYS B 86 23.40 -6.99 9.55
C LYS B 86 22.47 -7.96 10.28
N PHE B 87 22.27 -9.17 9.72
CA PHE B 87 21.38 -10.15 10.31
C PHE B 87 22.10 -11.32 10.97
N GLN B 88 23.42 -11.17 11.28
CA GLN B 88 24.26 -12.21 11.88
C GLN B 88 23.66 -12.87 13.09
N GLY B 89 23.53 -14.19 13.00
CA GLY B 89 23.01 -15.02 14.07
C GLY B 89 21.52 -14.84 14.35
N ARG B 90 20.76 -14.11 13.46
CA ARG B 90 19.35 -13.88 13.74
C ARG B 90 18.41 -14.49 12.73
N VAL B 91 18.89 -14.76 11.53
CA VAL B 91 18.08 -15.27 10.44
C VAL B 91 18.50 -16.69 10.05
N THR B 92 17.52 -17.50 9.65
CA THR B 92 17.76 -18.85 9.15
C THR B 92 16.87 -19.07 7.96
N LEU B 93 17.46 -19.43 6.83
CA LEU B 93 16.72 -19.76 5.61
C LEU B 93 16.69 -21.27 5.44
N THR B 94 15.50 -21.83 5.27
CA THR B 94 15.35 -23.30 5.11
C THR B 94 14.38 -23.56 3.97
N GLY B 95 14.24 -24.83 3.60
CA GLY B 95 13.32 -25.17 2.53
C GLY B 95 12.66 -26.51 2.74
N ASP B 96 11.61 -26.75 1.95
CA ASP B 96 10.90 -28.03 1.90
C ASP B 96 10.53 -28.20 0.44
N THR B 97 11.47 -28.78 -0.33
CA THR B 97 11.39 -28.98 -1.78
C THR B 97 10.19 -29.81 -2.21
N SER B 98 9.69 -30.71 -1.33
CA SER B 98 8.53 -31.56 -1.62
C SER B 98 7.24 -30.76 -1.81
N ILE B 99 7.14 -29.59 -1.14
CA ILE B 99 5.98 -28.69 -1.22
C ILE B 99 6.37 -27.34 -1.90
N SER B 100 7.53 -27.33 -2.60
CA SER B 100 8.08 -26.17 -3.33
CA SER B 100 8.06 -26.16 -3.34
C SER B 100 8.07 -24.90 -2.46
N THR B 101 8.38 -25.06 -1.15
CA THR B 101 8.34 -23.93 -0.21
C THR B 101 9.70 -23.55 0.39
N ALA B 102 9.96 -22.22 0.50
CA ALA B 102 11.15 -21.67 1.15
C ALA B 102 10.63 -20.99 2.40
N TYR B 103 11.47 -20.92 3.44
CA TYR B 103 11.11 -20.32 4.71
C TYR B 103 12.20 -19.38 5.19
N MET B 104 11.78 -18.31 5.90
CA MET B 104 12.69 -17.36 6.52
CA MET B 104 12.69 -17.35 6.52
C MET B 104 12.29 -17.25 7.97
N GLU B 105 13.24 -17.55 8.86
CA GLU B 105 12.97 -17.43 10.29
C GLU B 105 13.83 -16.31 10.83
N LEU B 106 13.21 -15.32 11.49
CA LEU B 106 13.99 -14.22 12.08
C LEU B 106 13.75 -14.31 13.57
N SER B 107 14.81 -14.36 14.37
CA SER B 107 14.69 -14.55 15.82
C SER B 107 15.14 -13.31 16.60
N SER B 108 14.96 -13.36 17.94
CA SER B 108 15.25 -12.30 18.93
C SER B 108 14.66 -10.98 18.39
N LEU B 109 13.39 -11.06 17.94
CA LEU B 109 12.70 -9.93 17.30
C LEU B 109 12.73 -8.66 18.13
N ARG B 110 12.97 -7.53 17.46
CA ARG B 110 13.03 -6.21 18.09
C ARG B 110 11.95 -5.35 17.44
N SER B 111 11.48 -4.27 18.12
CA SER B 111 10.46 -3.39 17.56
C SER B 111 10.84 -2.91 16.16
N GLU B 112 12.15 -2.63 15.92
CA GLU B 112 12.74 -2.17 14.65
C GLU B 112 12.77 -3.24 13.52
N ASP B 113 12.26 -4.46 13.79
CA ASP B 113 12.17 -5.52 12.77
C ASP B 113 10.77 -5.44 12.13
N THR B 114 9.95 -4.47 12.58
CA THR B 114 8.62 -4.30 11.98
C THR B 114 8.84 -3.85 10.54
N ALA B 115 8.36 -4.65 9.57
CA ALA B 115 8.59 -4.39 8.19
C ALA B 115 7.82 -5.37 7.34
N VAL B 116 7.81 -5.09 6.04
CA VAL B 116 7.26 -6.00 5.05
C VAL B 116 8.44 -6.88 4.59
N TYR B 117 8.27 -8.22 4.65
CA TYR B 117 9.31 -9.17 4.26
C TYR B 117 8.91 -9.80 2.94
N TYR B 118 9.79 -9.74 1.96
CA TYR B 118 9.50 -10.32 0.65
C TYR B 118 10.44 -11.51 0.37
N CYS B 119 9.97 -12.48 -0.41
CA CYS B 119 10.87 -13.48 -0.99
C CYS B 119 10.99 -13.10 -2.49
N ALA B 120 12.13 -13.35 -3.11
CA ALA B 120 12.38 -12.95 -4.49
C ALA B 120 13.34 -13.92 -5.12
N ARG B 121 13.13 -14.22 -6.37
CA ARG B 121 13.92 -15.16 -7.13
C ARG B 121 15.09 -14.49 -7.86
N SER B 122 16.26 -15.18 -7.89
CA SER B 122 17.41 -14.78 -8.68
C SER B 122 18.08 -16.06 -9.25
N SER B 123 18.96 -15.90 -10.22
CA SER B 123 19.59 -17.05 -10.85
C SER B 123 20.61 -17.72 -9.96
N ILE B 124 20.77 -19.05 -10.13
CA ILE B 124 21.83 -19.79 -9.43
C ILE B 124 23.12 -19.31 -10.08
N LEU B 125 24.06 -18.75 -9.28
CA LEU B 125 25.29 -18.25 -9.86
C LEU B 125 26.41 -19.26 -9.65
N VAL B 126 27.31 -19.35 -10.62
CA VAL B 126 28.48 -20.21 -10.42
C VAL B 126 29.43 -19.36 -9.56
N ARG B 127 30.42 -19.97 -8.93
CA ARG B 127 31.38 -19.20 -8.16
C ARG B 127 32.41 -18.66 -9.18
N GLY B 128 32.68 -17.35 -9.21
CA GLY B 128 32.08 -16.29 -8.41
C GLY B 128 31.48 -15.24 -9.33
N ALA B 129 30.59 -15.70 -10.26
CA ALA B 129 29.87 -14.90 -11.24
C ALA B 129 28.84 -13.99 -10.56
N LEU B 130 28.38 -12.95 -11.28
CA LEU B 130 27.47 -11.94 -10.75
C LEU B 130 26.10 -12.01 -11.39
N GLY B 131 25.08 -11.62 -10.63
CA GLY B 131 23.71 -11.67 -11.14
C GLY B 131 22.60 -11.72 -10.11
N ARG B 132 22.86 -11.26 -8.88
CA ARG B 132 21.84 -11.26 -7.82
C ARG B 132 20.87 -10.05 -7.91
N TYR B 133 20.00 -10.07 -8.94
CA TYR B 133 18.91 -9.11 -9.16
C TYR B 133 17.65 -9.97 -9.24
N PHE B 134 16.49 -9.37 -8.94
CA PHE B 134 15.29 -10.09 -8.64
C PHE B 134 14.21 -9.94 -9.69
N ASP B 135 13.95 -11.05 -10.42
CA ASP B 135 13.01 -11.03 -11.54
C ASP B 135 11.59 -11.48 -11.20
N LEU B 136 11.38 -11.95 -9.97
CA LEU B 136 10.06 -12.41 -9.49
C LEU B 136 10.02 -12.20 -8.00
N TRP B 137 8.90 -11.63 -7.48
CA TRP B 137 8.74 -11.34 -6.06
C TRP B 137 7.43 -11.85 -5.54
N GLY B 138 7.41 -12.23 -4.26
CA GLY B 138 6.19 -12.51 -3.52
C GLY B 138 5.53 -11.15 -3.22
N ARG B 139 4.32 -11.16 -2.67
CA ARG B 139 3.57 -9.91 -2.44
C ARG B 139 3.93 -9.23 -1.13
N GLY B 140 4.77 -9.90 -0.33
CA GLY B 140 5.21 -9.39 0.96
C GLY B 140 4.37 -9.85 2.13
N THR B 141 5.00 -9.97 3.28
CA THR B 141 4.34 -10.33 4.54
C THR B 141 4.69 -9.26 5.58
N LEU B 142 3.69 -8.55 6.12
CA LEU B 142 3.98 -7.57 7.15
C LEU B 142 4.14 -8.32 8.49
N VAL B 143 5.27 -8.11 9.15
CA VAL B 143 5.51 -8.68 10.48
C VAL B 143 5.61 -7.47 11.38
N THR B 144 4.77 -7.42 12.43
CA THR B 144 4.78 -6.29 13.40
C THR B 144 5.33 -6.82 14.74
N VAL B 145 6.26 -6.08 15.35
CA VAL B 145 6.82 -6.50 16.62
C VAL B 145 6.29 -5.55 17.69
N SER B 146 5.43 -6.09 18.56
CA SER B 146 4.76 -5.27 19.59
C SER B 146 4.36 -6.09 20.79
N SER B 147 4.33 -5.40 21.94
CA SER B 147 3.90 -5.91 23.22
C SER B 147 2.37 -5.70 23.38
N ALA B 148 1.77 -4.76 22.60
CA ALA B 148 0.34 -4.41 22.65
C ALA B 148 -0.56 -5.57 22.29
N SER B 149 -1.79 -5.57 22.82
CA SER B 149 -2.74 -6.64 22.57
C SER B 149 -3.33 -6.62 21.14
N THR B 150 -3.48 -7.81 20.55
CA THR B 150 -4.09 -7.97 19.23
C THR B 150 -5.59 -7.72 19.39
N LYS B 151 -6.19 -6.96 18.46
CA LYS B 151 -7.60 -6.62 18.49
C LYS B 151 -8.18 -6.68 17.07
N GLY B 152 -9.26 -7.45 16.94
CA GLY B 152 -9.98 -7.60 15.68
C GLY B 152 -10.84 -6.39 15.39
N PRO B 153 -11.04 -6.03 14.10
CA PRO B 153 -11.87 -4.84 13.79
C PRO B 153 -13.36 -5.06 13.94
N SER B 154 -14.10 -3.95 14.07
CA SER B 154 -15.56 -3.86 13.98
C SER B 154 -15.82 -3.30 12.56
N VAL B 155 -16.80 -3.83 11.84
CA VAL B 155 -17.04 -3.38 10.47
C VAL B 155 -18.44 -2.79 10.43
N PHE B 156 -18.54 -1.56 9.96
CA PHE B 156 -19.83 -0.84 9.84
C PHE B 156 -20.08 -0.40 8.41
N PRO B 157 -21.34 -0.41 7.95
CA PRO B 157 -21.60 0.07 6.59
C PRO B 157 -21.53 1.59 6.46
N LEU B 158 -21.05 2.08 5.29
CA LEU B 158 -21.10 3.47 4.87
C LEU B 158 -22.22 3.39 3.80
N ALA B 159 -23.45 3.48 4.29
CA ALA B 159 -24.62 3.24 3.46
C ALA B 159 -24.93 4.36 2.50
N PRO B 160 -25.24 4.02 1.23
CA PRO B 160 -25.60 5.06 0.26
C PRO B 160 -26.96 5.71 0.64
N SER B 161 -27.06 7.03 0.50
CA SER B 161 -28.31 7.75 0.82
C SER B 161 -28.46 8.88 -0.17
N SER B 162 -29.44 9.75 0.05
CA SER B 162 -29.60 10.93 -0.80
C SER B 162 -28.38 11.88 -0.64
N LYS B 163 -27.59 11.69 0.45
CA LYS B 163 -26.42 12.54 0.76
C LYS B 163 -25.08 11.96 0.24
N SER B 164 -25.14 10.77 -0.41
CA SER B 164 -23.93 10.19 -1.01
C SER B 164 -24.12 9.94 -2.52
N THR B 165 -24.59 11.00 -3.25
CA THR B 165 -24.68 10.96 -4.71
C THR B 165 -24.06 12.23 -5.32
N SER B 166 -23.58 12.12 -6.56
CA SER B 166 -22.98 13.20 -7.36
C SER B 166 -23.31 12.82 -8.80
N GLY B 167 -24.37 13.51 -9.21
N GLY B 167 -24.02 13.63 -9.60
CA GLY B 167 -25.12 13.33 -10.42
CA GLY B 167 -24.31 13.36 -11.03
C GLY B 167 -25.71 11.97 -10.31
C GLY B 167 -24.34 11.96 -11.67
N GLY B 168 -25.32 11.19 -11.25
CA GLY B 168 -25.66 9.80 -11.52
C GLY B 168 -24.83 8.78 -10.76
N THR B 169 -23.86 9.26 -9.92
CA THR B 169 -22.96 8.36 -9.19
C THR B 169 -23.38 8.26 -7.73
N ALA B 170 -23.32 7.05 -7.16
CA ALA B 170 -23.56 6.88 -5.72
C ALA B 170 -22.28 6.34 -5.13
N ALA B 171 -21.94 6.76 -3.93
CA ALA B 171 -20.80 6.19 -3.20
C ALA B 171 -21.33 5.39 -2.02
N LEU B 172 -20.61 4.34 -1.67
CA LEU B 172 -20.95 3.50 -0.52
C LEU B 172 -19.65 2.88 -0.03
N GLY B 173 -19.68 2.23 1.11
CA GLY B 173 -18.44 1.63 1.62
C GLY B 173 -18.58 0.89 2.92
N CYS B 174 -17.41 0.63 3.56
CA CYS B 174 -17.35 -0.03 4.86
C CYS B 174 -16.29 0.69 5.69
N LEU B 175 -16.61 0.89 6.95
CA LEU B 175 -15.71 1.48 7.92
C LEU B 175 -15.18 0.32 8.77
N VAL B 176 -13.84 0.18 8.80
CA VAL B 176 -13.17 -0.92 9.51
C VAL B 176 -12.45 -0.27 10.67
N LYS B 177 -13.03 -0.35 11.86
CA LYS B 177 -12.55 0.39 13.01
C LYS B 177 -11.95 -0.43 14.15
N ASP B 178 -10.95 0.17 14.85
CA ASP B 178 -10.38 -0.34 16.10
C ASP B 178 -9.72 -1.70 16.00
N TYR B 179 -8.67 -1.80 15.19
CA TYR B 179 -7.92 -3.04 15.07
C TYR B 179 -6.46 -2.80 15.38
N PHE B 180 -5.78 -3.85 15.78
CA PHE B 180 -4.36 -3.80 16.04
C PHE B 180 -3.78 -5.20 15.89
N PRO B 181 -2.63 -5.35 15.21
CA PRO B 181 -1.84 -4.33 14.49
C PRO B 181 -2.33 -4.22 13.04
N GLU B 182 -1.56 -3.55 12.18
CA GLU B 182 -1.85 -3.62 10.75
C GLU B 182 -1.43 -5.02 10.24
N PRO B 183 -1.96 -5.50 9.08
CA PRO B 183 -2.87 -4.83 8.16
C PRO B 183 -4.27 -5.42 8.16
N VAL B 184 -5.19 -4.68 7.55
CA VAL B 184 -6.48 -5.24 7.19
C VAL B 184 -6.51 -5.16 5.68
N THR B 185 -7.17 -6.12 5.05
CA THR B 185 -7.36 -6.06 3.60
C THR B 185 -8.86 -5.99 3.39
N VAL B 186 -9.28 -5.34 2.30
CA VAL B 186 -10.71 -5.29 2.01
C VAL B 186 -10.85 -5.62 0.52
N SER B 187 -11.79 -6.50 0.21
CA SER B 187 -12.15 -6.76 -1.17
C SER B 187 -13.66 -6.51 -1.26
N TRP B 188 -14.19 -6.43 -2.47
CA TRP B 188 -15.63 -6.19 -2.64
C TRP B 188 -16.15 -7.29 -3.50
N ASN B 189 -17.30 -7.86 -3.11
CA ASN B 189 -17.96 -8.97 -3.87
C ASN B 189 -16.98 -10.09 -4.18
N SER B 190 -16.16 -10.48 -3.16
CA SER B 190 -15.16 -11.55 -3.22
C SER B 190 -14.11 -11.35 -4.31
N GLY B 191 -13.82 -10.09 -4.65
CA GLY B 191 -12.83 -9.75 -5.66
C GLY B 191 -13.35 -9.50 -7.05
N ALA B 192 -14.67 -9.65 -7.25
CA ALA B 192 -15.33 -9.39 -8.52
C ALA B 192 -15.56 -7.88 -8.77
N LEU B 193 -15.48 -7.05 -7.69
CA LEU B 193 -15.70 -5.61 -7.85
C LEU B 193 -14.41 -4.92 -7.46
N THR B 194 -13.71 -4.30 -8.43
CA THR B 194 -12.43 -3.59 -8.19
C THR B 194 -12.44 -2.17 -8.75
N SER B 195 -13.17 -1.96 -9.84
CA SER B 195 -13.22 -0.65 -10.47
C SER B 195 -13.91 0.36 -9.51
N GLY B 196 -13.32 1.54 -9.36
CA GLY B 196 -13.94 2.54 -8.50
C GLY B 196 -13.74 2.36 -6.99
N VAL B 197 -12.93 1.37 -6.57
CA VAL B 197 -12.70 1.08 -5.14
C VAL B 197 -11.51 1.91 -4.67
N HIS B 198 -11.65 2.53 -3.51
CA HIS B 198 -10.56 3.22 -2.80
C HIS B 198 -10.56 2.69 -1.38
N THR B 199 -9.52 1.89 -1.04
CA THR B 199 -9.35 1.39 0.33
C THR B 199 -8.27 2.30 0.88
N PHE B 200 -8.68 3.20 1.79
CA PHE B 200 -7.71 4.19 2.28
C PHE B 200 -6.62 3.64 3.15
N PRO B 201 -5.42 4.28 3.13
CA PRO B 201 -4.38 3.92 4.11
C PRO B 201 -4.96 4.09 5.53
N ALA B 202 -4.55 3.23 6.44
CA ALA B 202 -5.06 3.29 7.81
C ALA B 202 -4.61 4.57 8.52
N VAL B 203 -5.38 5.02 9.49
CA VAL B 203 -4.96 6.10 10.39
C VAL B 203 -4.72 5.45 11.75
N LEU B 204 -3.81 6.06 12.54
CA LEU B 204 -3.54 5.63 13.90
C LEU B 204 -4.43 6.52 14.80
N GLN B 205 -5.32 5.91 15.60
CA GLN B 205 -6.21 6.68 16.50
C GLN B 205 -5.50 6.95 17.79
N SER B 206 -5.97 7.93 18.59
CA SER B 206 -5.40 8.24 19.92
C SER B 206 -5.38 6.99 20.82
N SER B 207 -6.36 6.09 20.66
CA SER B 207 -6.43 4.85 21.43
C SER B 207 -5.27 3.86 21.16
N GLY B 208 -4.51 4.09 20.07
CA GLY B 208 -3.44 3.19 19.66
C GLY B 208 -3.92 2.12 18.69
N LEU B 209 -5.21 2.16 18.34
CA LEU B 209 -5.84 1.23 17.41
C LEU B 209 -5.97 1.91 16.05
N TYR B 210 -5.99 1.12 14.98
CA TYR B 210 -6.09 1.69 13.66
C TYR B 210 -7.51 1.67 13.16
N SER B 211 -7.75 2.43 12.09
CA SER B 211 -9.05 2.46 11.42
CA SER B 211 -9.04 2.37 11.40
C SER B 211 -8.85 2.80 9.96
N LEU B 212 -9.73 2.29 9.08
CA LEU B 212 -9.68 2.73 7.69
C LEU B 212 -11.08 2.58 7.13
N SER B 213 -11.37 3.18 5.98
CA SER B 213 -12.61 2.97 5.25
C SER B 213 -12.24 2.49 3.86
N SER B 214 -13.16 1.74 3.24
CA SER B 214 -13.05 1.31 1.86
C SER B 214 -14.33 1.78 1.20
N VAL B 215 -14.21 2.55 0.10
CA VAL B 215 -15.38 3.12 -0.57
C VAL B 215 -15.39 2.70 -2.03
N VAL B 216 -16.57 2.79 -2.63
CA VAL B 216 -16.70 2.48 -4.05
CA VAL B 216 -16.74 2.41 -4.04
C VAL B 216 -17.72 3.41 -4.63
N THR B 217 -17.50 3.83 -5.89
CA THR B 217 -18.50 4.66 -6.60
C THR B 217 -19.12 3.76 -7.64
N VAL B 218 -20.45 3.79 -7.75
CA VAL B 218 -21.23 2.93 -8.64
C VAL B 218 -22.37 3.76 -9.29
N PRO B 219 -23.07 3.26 -10.34
CA PRO B 219 -24.23 4.03 -10.85
C PRO B 219 -25.27 4.13 -9.74
N SER B 220 -25.91 5.31 -9.55
CA SER B 220 -26.98 5.31 -8.54
C SER B 220 -28.17 4.46 -9.07
N SER B 221 -28.25 4.29 -10.41
CA SER B 221 -29.33 3.47 -11.03
C SER B 221 -29.17 1.97 -10.61
N SER B 222 -27.98 1.59 -10.10
CA SER B 222 -27.63 0.21 -9.72
C SER B 222 -28.13 -0.25 -8.34
N LEU B 223 -28.44 0.70 -7.46
CA LEU B 223 -28.83 0.41 -6.09
C LEU B 223 -30.15 -0.33 -6.14
N GLY B 224 -30.31 -1.34 -5.32
CA GLY B 224 -31.57 -2.08 -5.47
C GLY B 224 -31.58 -3.24 -6.47
N THR B 225 -30.67 -3.28 -7.51
CA THR B 225 -30.53 -4.50 -8.34
C THR B 225 -29.19 -5.15 -8.04
N GLN B 226 -28.14 -4.34 -7.78
CA GLN B 226 -26.80 -4.89 -7.53
C GLN B 226 -26.59 -5.10 -6.05
N THR B 227 -25.76 -6.09 -5.70
CA THR B 227 -25.47 -6.40 -4.30
C THR B 227 -24.02 -5.98 -4.04
N TYR B 228 -23.79 -5.26 -2.94
CA TYR B 228 -22.43 -4.80 -2.59
C TYR B 228 -22.01 -5.32 -1.24
N ILE B 229 -21.02 -6.21 -1.23
CA ILE B 229 -20.56 -6.82 0.01
C ILE B 229 -19.09 -6.54 0.19
N CYS B 230 -18.70 -5.98 1.33
CA CYS B 230 -17.28 -5.80 1.59
C CYS B 230 -16.80 -7.01 2.40
N ASN B 231 -15.62 -7.55 2.01
CA ASN B 231 -14.98 -8.70 2.64
C ASN B 231 -13.73 -8.21 3.36
N VAL B 232 -13.80 -8.14 4.70
CA VAL B 232 -12.71 -7.65 5.57
C VAL B 232 -11.95 -8.80 6.19
N ASN B 233 -10.62 -8.74 6.10
CA ASN B 233 -9.73 -9.75 6.65
CA ASN B 233 -9.73 -9.76 6.65
C ASN B 233 -8.68 -9.11 7.54
N HIS B 234 -8.56 -9.58 8.77
CA HIS B 234 -7.51 -9.13 9.70
C HIS B 234 -6.85 -10.41 10.22
N LYS B 235 -5.79 -10.85 9.53
CA LYS B 235 -5.12 -12.14 9.82
C LYS B 235 -4.58 -12.26 11.27
N PRO B 236 -3.98 -11.21 11.90
CA PRO B 236 -3.53 -11.37 13.30
C PRO B 236 -4.57 -11.78 14.35
N SER B 237 -5.85 -11.45 14.14
CA SER B 237 -6.93 -11.81 15.06
C SER B 237 -7.84 -12.88 14.44
N ASN B 238 -7.43 -13.42 13.27
CA ASN B 238 -8.18 -14.43 12.49
C ASN B 238 -9.64 -13.96 12.24
N THR B 239 -9.79 -12.66 11.90
CA THR B 239 -11.08 -12.05 11.62
C THR B 239 -11.35 -12.04 10.12
N LYS B 240 -12.51 -12.55 9.72
CA LYS B 240 -12.99 -12.55 8.34
C LYS B 240 -14.44 -12.16 8.46
N VAL B 241 -14.79 -10.96 8.00
CA VAL B 241 -16.15 -10.42 8.13
C VAL B 241 -16.67 -10.05 6.75
N ASP B 242 -17.92 -10.40 6.46
CA ASP B 242 -18.57 -9.97 5.22
C ASP B 242 -19.70 -9.04 5.64
N LYS B 243 -19.75 -7.87 5.05
CA LYS B 243 -20.82 -6.93 5.37
C LYS B 243 -21.57 -6.50 4.10
N LYS B 244 -22.88 -6.82 4.01
CA LYS B 244 -23.68 -6.38 2.87
C LYS B 244 -24.08 -4.94 3.13
N VAL B 245 -23.78 -4.04 2.18
CA VAL B 245 -24.09 -2.61 2.30
C VAL B 245 -25.40 -2.26 1.55
N GLU B 246 -26.41 -1.78 2.26
CA GLU B 246 -27.71 -1.45 1.68
C GLU B 246 -28.02 0.05 1.83
N PRO B 247 -28.99 0.61 1.04
CA PRO B 247 -29.39 2.02 1.24
C PRO B 247 -29.71 2.37 2.70
N LYS B 248 -29.26 3.56 3.15
CA LYS B 248 -29.33 4.05 4.54
C LYS B 248 -30.74 4.05 5.14
N SER B 249 -30.88 3.49 6.36
CA SER B 249 -32.15 3.45 7.10
C SER B 249 -32.49 4.82 7.67
N CYS B 250 -33.75 5.26 7.45
CA CYS B 250 -34.31 6.57 7.83
C CYS B 250 -35.21 6.44 9.05
#